data_4UE4
#
_entry.id   4UE4
#
_cell.length_a   1.000
_cell.length_b   1.000
_cell.length_c   1.000
_cell.angle_alpha   90.00
_cell.angle_beta   90.00
_cell.angle_gamma   90.00
#
_symmetry.space_group_name_H-M   'P 1'
#
loop_
_entity.id
_entity.type
_entity.pdbx_description
1 polymer '6S RNA'
2 polymer 'FTSQ SIGNAL SEQUENCE'
3 polymer 'SIGNAL RECOGNITION PARTICLE PROTEIN'
#
loop_
_entity_poly.entity_id
_entity_poly.type
_entity_poly.pdbx_seq_one_letter_code
_entity_poly.pdbx_strand_id
1 'polyribonucleotide'
;GCCGUGCUAAGCGGGGAGGUAGCGGUGCCCUGUACCUGCAAUCCGCUCUAGCAGGGCCGAAUCCCUUCUCGAGGUUCGUU
UACUUUAAGGCCUGCCUUAAGUAAGUGGUGUUGACGUUUGGGUCCUGCGCAAUGGGAAUUCAUGAACCAUGUCAGGUCCG
GAAGGAAGCAGCAUUAAGUGAAACCUCUCAUGUGCCGCAGGGUUGCCUGGGCCGAGCUAACUGCUUAAGUAACGCUAGGG
UAGCGAAUCGACAGAAGGUGCACGGU
;
A
2 'polypeptide(L)' LFLLTVCTTVLVSGWVVLGWME B
3 'polypeptide(L)'
;TLDDFLEQLGQVRNMGPLDELLQMMPGAGKMKGLKNIQVDEKQLNHVEAIIKSMTVLEKEQPDIINASRRKRIAKGSGTS
VQEVNRLLKQFDEMKKMMKQMT
;
C
#
loop_
_chem_comp.id
_chem_comp.type
_chem_comp.name
_chem_comp.formula
A RNA linking ADENOSINE-5'-MONOPHOSPHATE 'C10 H14 N5 O7 P'
C RNA linking CYTIDINE-5'-MONOPHOSPHATE 'C9 H14 N3 O8 P'
G RNA linking GUANOSINE-5'-MONOPHOSPHATE 'C10 H14 N5 O8 P'
U RNA linking URIDINE-5'-MONOPHOSPHATE 'C9 H13 N2 O9 P'
#
# COMPACT_ATOMS: atom_id res chain seq x y z
N LEU B 1 -11.24 -2.18 20.32
CA LEU B 1 -9.85 -1.87 20.06
C LEU B 1 -9.38 -2.52 18.78
N PHE B 2 -9.70 -3.81 18.61
CA PHE B 2 -9.33 -4.54 17.41
C PHE B 2 -9.87 -3.84 16.18
N LEU B 3 -11.15 -3.47 16.21
CA LEU B 3 -11.78 -2.80 15.10
C LEU B 3 -11.02 -1.53 14.75
N LEU B 4 -10.68 -0.73 15.76
CA LEU B 4 -9.96 0.50 15.56
C LEU B 4 -8.65 0.23 14.85
N THR B 5 -7.91 -0.79 15.32
CA THR B 5 -6.64 -1.15 14.73
C THR B 5 -6.82 -1.46 13.24
N VAL B 6 -7.84 -2.26 12.93
CA VAL B 6 -8.12 -2.64 11.56
C VAL B 6 -8.34 -1.40 10.71
N CYS B 7 -9.15 -0.46 11.21
CA CYS B 7 -9.43 0.77 10.50
C CYS B 7 -8.14 1.51 10.20
N THR B 8 -7.27 1.63 11.21
CA THR B 8 -6.00 2.32 11.04
C THR B 8 -5.20 1.67 9.92
N THR B 9 -5.11 0.34 9.93
CA THR B 9 -4.38 -0.40 8.92
C THR B 9 -4.92 -0.05 7.54
N VAL B 10 -6.24 -0.07 7.39
CA VAL B 10 -6.87 0.23 6.12
C VAL B 10 -6.46 1.61 5.65
N LEU B 11 -6.51 2.60 6.55
CA LEU B 11 -6.14 3.96 6.22
C LEU B 11 -4.70 4.00 5.70
N VAL B 12 -3.79 3.32 6.39
CA VAL B 12 -2.40 3.28 6.00
C VAL B 12 -2.28 2.74 4.58
N SER B 13 -2.98 1.63 4.30
CA SER B 13 -2.95 1.03 2.98
C SER B 13 -3.37 2.03 1.93
N GLY B 14 -4.48 2.74 2.18
CA GLY B 14 -4.99 3.73 1.26
C GLY B 14 -3.93 4.77 0.97
N TRP B 15 -3.28 5.28 2.03
CA TRP B 15 -2.25 6.29 1.88
C TRP B 15 -1.15 5.77 0.96
N VAL B 16 -0.70 4.54 1.20
CA VAL B 16 0.35 3.93 0.39
C VAL B 16 -0.06 3.92 -1.08
N VAL B 17 -1.30 3.49 -1.34
CA VAL B 17 -1.81 3.42 -2.70
C VAL B 17 -1.72 4.80 -3.35
N LEU B 18 -2.18 5.83 -2.62
CA LEU B 18 -2.15 7.19 -3.14
C LEU B 18 -0.74 7.59 -3.52
N GLY B 19 0.21 7.36 -2.58
CA GLY B 19 1.59 7.71 -2.69
C GLY B 19 1.70 9.07 -2.08
N TRP B 20 2.86 9.39 -1.46
CA TRP B 20 2.98 10.73 -0.94
C TRP B 20 4.42 10.96 -0.62
N MET B 21 4.85 12.23 -0.54
CA MET B 21 6.23 12.52 -0.31
C MET B 21 6.57 12.24 1.11
N GLU B 22 7.86 11.89 1.32
CA GLU B 22 8.41 11.48 2.57
C GLU B 22 8.46 12.64 3.52
N THR C 1 5.05 -5.92 7.13
CA THR C 1 5.76 -6.53 6.00
C THR C 1 4.85 -6.49 4.74
N LEU C 2 5.33 -6.97 3.58
CA LEU C 2 4.58 -6.93 2.32
C LEU C 2 3.31 -7.79 2.31
N ASP C 3 3.25 -8.89 3.11
CA ASP C 3 2.04 -9.74 3.20
C ASP C 3 0.88 -8.94 3.78
N ASP C 4 1.20 -8.01 4.71
CA ASP C 4 0.26 -7.10 5.39
C ASP C 4 -0.12 -5.93 4.49
N PHE C 5 0.82 -5.46 3.64
CA PHE C 5 0.59 -4.35 2.71
C PHE C 5 -0.45 -4.73 1.65
N LEU C 6 -0.36 -5.98 1.10
CA LEU C 6 -1.29 -6.50 0.10
C LEU C 6 -2.68 -6.59 0.70
N GLU C 7 -2.77 -7.09 1.96
CA GLU C 7 -4.03 -7.23 2.71
C GLU C 7 -4.72 -5.87 2.85
N GLN C 8 -3.96 -4.78 3.05
CA GLN C 8 -4.49 -3.41 3.17
C GLN C 8 -5.05 -2.90 1.83
N LEU C 9 -4.40 -3.26 0.70
CA LEU C 9 -4.86 -2.89 -0.64
C LEU C 9 -6.06 -3.75 -1.03
N GLY C 10 -6.05 -5.04 -0.63
CA GLY C 10 -7.09 -6.03 -0.88
C GLY C 10 -8.38 -5.66 -0.13
N GLN C 11 -8.25 -5.22 1.15
CA GLN C 11 -9.37 -4.78 1.98
C GLN C 11 -9.90 -3.43 1.51
N VAL C 12 -9.03 -2.58 0.91
CA VAL C 12 -9.41 -1.29 0.34
C VAL C 12 -10.31 -1.48 -0.88
N ARG C 13 -9.98 -2.46 -1.76
CA ARG C 13 -10.77 -2.80 -2.95
C ARG C 13 -12.10 -3.45 -2.53
N ASN C 14 -12.06 -4.24 -1.43
CA ASN C 14 -13.18 -4.97 -0.83
C ASN C 14 -14.21 -4.02 -0.23
N MET C 15 -13.73 -2.99 0.47
CA MET C 15 -14.61 -2.08 1.19
C MET C 15 -14.63 -0.65 0.66
N GLY C 16 -13.98 -0.41 -0.47
CA GLY C 16 -13.83 0.96 -0.95
C GLY C 16 -14.59 1.32 -2.21
N PRO C 17 -15.38 2.37 -2.10
CA PRO C 17 -16.06 2.97 -3.24
C PRO C 17 -15.70 4.43 -3.33
N LEU C 18 -15.30 4.88 -4.53
CA LEU C 18 -14.93 6.27 -4.71
C LEU C 18 -13.83 6.67 -3.73
N ASP C 19 -12.90 5.74 -3.49
CA ASP C 19 -11.79 5.97 -2.58
C ASP C 19 -12.24 6.28 -1.15
N GLU C 20 -13.32 5.65 -0.71
CA GLU C 20 -13.79 5.80 0.67
C GLU C 20 -12.77 5.19 1.63
N LEU C 21 -12.57 5.83 2.77
CA LEU C 21 -13.32 7.00 3.22
C LEU C 21 -12.97 8.23 2.38
N LEU C 22 -13.87 9.22 2.41
CA LEU C 22 -13.95 10.35 1.48
C LEU C 22 -15.36 10.50 0.92
N GLN C 23 -16.36 10.34 1.78
CA GLN C 23 -17.75 10.51 1.39
C GLN C 23 -18.21 9.62 0.26
N MET C 24 -17.82 8.36 0.31
CA MET C 24 -18.21 7.39 -0.70
C MET C 24 -19.73 7.21 -0.75
N MET C 25 -20.37 7.18 0.42
CA MET C 25 -21.80 6.90 0.48
C MET C 25 -22.62 7.95 -0.26
N PRO C 26 -22.26 9.29 -0.03
CA PRO C 26 -23.00 10.23 -0.90
C PRO C 26 -22.63 10.00 -2.35
N GLY C 27 -21.34 9.77 -2.59
CA GLY C 27 -20.80 9.42 -3.89
C GLY C 27 -20.56 10.59 -4.81
N ALA C 28 -20.85 11.80 -4.34
CA ALA C 28 -20.60 12.99 -5.16
C ALA C 28 -19.79 14.07 -4.45
N GLY C 29 -18.69 14.54 -5.05
CA GLY C 29 -17.75 13.79 -5.86
C GLY C 29 -18.05 12.35 -6.25
N LYS C 30 -17.66 11.38 -5.40
CA LYS C 30 -16.96 11.67 -4.13
C LYS C 30 -15.60 10.99 -4.02
N MET C 31 -14.58 11.79 -3.73
CA MET C 31 -13.29 11.30 -3.28
C MET C 31 -12.96 12.00 -1.97
N LYS C 32 -12.57 11.25 -0.95
CA LYS C 32 -12.44 11.81 0.40
C LYS C 32 -11.40 12.94 0.49
N GLY C 33 -10.27 12.78 -0.19
CA GLY C 33 -9.28 13.84 -0.26
C GLY C 33 -9.85 15.07 -0.97
N LEU C 34 -10.67 14.81 -1.97
CA LEU C 34 -11.29 15.85 -2.81
C LEU C 34 -11.79 15.22 -4.11
N LYS C 35 -10.89 14.72 -4.96
CA LYS C 35 -9.50 15.14 -5.06
C LYS C 35 -9.08 15.10 -6.54
N ASN C 36 -9.01 13.91 -7.13
CA ASN C 36 -9.05 12.65 -6.37
C ASN C 36 -7.64 12.10 -6.11
N ILE C 37 -6.79 12.06 -7.14
CA ILE C 37 -7.18 11.93 -8.52
C ILE C 37 -7.86 10.57 -8.60
N GLN C 38 -7.28 9.62 -7.88
CA GLN C 38 -7.92 8.34 -7.58
C GLN C 38 -8.24 8.19 -6.09
N VAL C 39 -7.33 8.62 -5.22
CA VAL C 39 -5.96 8.96 -5.58
C VAL C 39 -5.20 7.71 -6.03
N ASP C 40 -5.43 6.61 -5.33
CA ASP C 40 -4.81 5.33 -5.66
C ASP C 40 -5.89 4.28 -5.86
N GLU C 41 -5.78 3.51 -6.94
CA GLU C 41 -4.68 3.66 -7.89
C GLU C 41 -4.68 2.53 -8.91
N LYS C 42 -4.06 2.77 -10.05
CA LYS C 42 -3.89 1.75 -11.09
C LYS C 42 -2.49 1.14 -11.07
N GLN C 43 -1.70 1.54 -10.07
CA GLN C 43 -0.28 1.23 -9.99
C GLN C 43 0.08 0.89 -8.55
N LEU C 44 -0.53 1.64 -7.62
CA LEU C 44 -0.40 1.34 -6.21
C LEU C 44 -0.99 -0.06 -5.98
N ASN C 45 -2.07 -0.35 -6.71
CA ASN C 45 -2.73 -1.65 -6.64
C ASN C 45 -1.78 -2.77 -7.07
N HIS C 46 -0.96 -2.51 -8.08
CA HIS C 46 -0.01 -3.52 -8.55
C HIS C 46 0.92 -3.87 -7.40
N VAL C 47 1.33 -2.85 -6.65
CA VAL C 47 1.92 -3.04 -5.33
C VAL C 47 1.71 -4.45 -4.79
N GLU C 48 0.57 -5.09 -5.12
CA GLU C 48 0.25 -6.45 -4.68
C GLU C 48 1.20 -7.46 -5.33
N ALA C 49 1.50 -7.29 -6.64
CA ALA C 49 2.37 -8.15 -7.46
C ALA C 49 3.82 -8.19 -6.95
N ILE C 50 4.37 -7.04 -6.51
CA ILE C 50 5.76 -6.94 -6.04
C ILE C 50 5.93 -7.72 -4.73
N ILE C 51 5.01 -7.56 -3.75
CA ILE C 51 5.07 -8.27 -2.46
C ILE C 51 4.77 -9.77 -2.68
N LYS C 52 3.97 -10.11 -3.72
CA LYS C 52 3.64 -11.50 -4.07
C LYS C 52 4.88 -12.27 -4.55
N SER C 53 5.79 -11.59 -5.27
CA SER C 53 7.02 -12.17 -5.83
C SER C 53 8.11 -12.40 -4.75
N MET C 54 8.03 -11.69 -3.61
CA MET C 54 8.96 -11.81 -2.49
C MET C 54 8.83 -13.17 -1.80
N THR C 55 9.90 -13.62 -1.13
CA THR C 55 9.86 -14.87 -0.37
C THR C 55 9.29 -14.58 1.03
N VAL C 56 9.08 -15.63 1.84
CA VAL C 56 8.58 -15.53 3.20
C VAL C 56 9.58 -14.75 4.07
N LEU C 57 10.88 -15.04 3.88
CA LEU C 57 12.02 -14.41 4.57
C LEU C 57 12.11 -12.92 4.24
N GLU C 58 12.01 -12.59 2.94
CA GLU C 58 12.07 -11.23 2.39
C GLU C 58 10.95 -10.36 2.94
N LYS C 59 9.77 -10.95 3.14
CA LYS C 59 8.60 -10.27 3.69
C LYS C 59 8.81 -9.95 5.18
N GLU C 60 9.23 -10.94 5.99
CA GLU C 60 9.48 -10.81 7.43
C GLU C 60 10.58 -9.81 7.75
N GLN C 61 11.66 -9.80 6.93
CA GLN C 61 12.79 -8.87 7.06
C GLN C 61 13.01 -8.15 5.72
N PRO C 62 12.47 -6.93 5.54
CA PRO C 62 12.62 -6.23 4.26
C PRO C 62 14.01 -5.60 4.08
N ASP C 63 14.80 -5.54 5.18
CA ASP C 63 16.17 -4.98 5.21
C ASP C 63 17.14 -5.89 4.45
N ILE C 64 16.73 -7.14 4.19
CA ILE C 64 17.54 -8.12 3.46
C ILE C 64 17.38 -7.94 1.94
N ILE C 65 16.31 -7.24 1.50
CA ILE C 65 16.05 -7.03 0.07
C ILE C 65 17.02 -5.97 -0.49
N ASN C 66 17.97 -6.44 -1.31
CA ASN C 66 19.00 -5.65 -1.98
C ASN C 66 19.01 -5.95 -3.50
N ALA C 67 20.01 -5.43 -4.21
CA ALA C 67 20.19 -5.56 -5.65
C ALA C 67 19.76 -6.86 -6.31
N SER C 68 20.45 -7.96 -5.96
CA SER C 68 20.23 -9.32 -6.50
C SER C 68 18.81 -9.86 -6.22
N ARG C 69 18.20 -9.45 -5.08
CA ARG C 69 16.85 -9.84 -4.67
C ARG C 69 15.82 -8.97 -5.38
N ARG C 70 16.06 -7.65 -5.46
CA ARG C 70 15.21 -6.68 -6.13
C ARG C 70 15.05 -7.04 -7.61
N LYS C 71 16.18 -7.29 -8.31
CA LYS C 71 16.24 -7.68 -9.72
C LYS C 71 15.41 -8.92 -10.01
N ARG C 72 15.33 -9.85 -9.03
CA ARG C 72 14.57 -11.09 -9.12
C ARG C 72 13.07 -10.80 -8.97
N ILE C 73 12.71 -9.94 -7.98
CA ILE C 73 11.32 -9.55 -7.66
C ILE C 73 10.70 -8.78 -8.85
N ALA C 74 11.49 -7.87 -9.46
CA ALA C 74 11.05 -7.06 -10.60
C ALA C 74 10.74 -7.91 -11.84
N LYS C 75 11.57 -8.94 -12.10
CA LYS C 75 11.41 -9.85 -13.24
C LYS C 75 10.21 -10.79 -13.10
N GLY C 76 9.83 -11.10 -11.86
CA GLY C 76 8.70 -11.97 -11.54
C GLY C 76 7.35 -11.30 -11.47
N SER C 77 7.36 -9.98 -11.29
CA SER C 77 6.16 -9.15 -11.25
C SER C 77 5.98 -8.42 -12.58
N GLY C 78 7.02 -8.45 -13.41
CA GLY C 78 7.04 -7.81 -14.72
C GLY C 78 7.13 -6.30 -14.59
N THR C 79 7.83 -5.86 -13.54
CA THR C 79 8.02 -4.45 -13.19
C THR C 79 9.46 -4.01 -13.49
N SER C 80 9.92 -2.97 -12.79
CA SER C 80 11.26 -2.44 -12.91
C SER C 80 11.95 -2.37 -11.54
N VAL C 81 11.04 -1.04 -12.02
CA VAL C 81 11.93 -1.11 -10.84
C VAL C 81 11.63 0.09 -9.93
N GLN C 82 11.35 1.26 -10.54
CA GLN C 82 11.01 2.50 -9.83
C GLN C 82 9.66 2.37 -9.10
N GLU C 83 8.67 1.63 -9.69
CA GLU C 83 7.31 1.42 -9.14
C GLU C 83 7.35 0.64 -7.83
N VAL C 84 8.24 -0.36 -7.74
CA VAL C 84 8.42 -1.21 -6.56
C VAL C 84 9.13 -0.40 -5.47
N ASN C 85 10.21 0.33 -5.85
CA ASN C 85 11.02 1.18 -4.97
C ASN C 85 10.17 2.29 -4.33
N ARG C 86 9.08 2.68 -5.02
CA ARG C 86 8.13 3.68 -4.55
C ARG C 86 7.26 3.11 -3.44
N LEU C 87 6.75 1.88 -3.63
CA LEU C 87 5.89 1.16 -2.69
C LEU C 87 6.57 0.93 -1.33
N LEU C 88 7.85 0.56 -1.34
CA LEU C 88 8.65 0.28 -0.14
C LEU C 88 8.92 1.55 0.66
N LYS C 89 9.21 2.69 -0.03
CA LYS C 89 9.44 3.98 0.62
C LYS C 89 8.17 4.43 1.35
N GLN C 90 7.00 4.25 0.71
CA GLN C 90 5.68 4.59 1.27
C GLN C 90 5.37 3.76 2.51
N PHE C 91 5.72 2.45 2.46
CA PHE C 91 5.54 1.51 3.57
C PHE C 91 6.44 1.87 4.76
N ASP C 92 7.66 2.39 4.49
CA ASP C 92 8.63 2.80 5.51
C ASP C 92 8.10 3.98 6.32
N GLU C 93 7.41 4.92 5.64
CA GLU C 93 6.82 6.10 6.27
C GLU C 93 5.55 5.73 7.06
N MET C 94 4.91 4.61 6.68
CA MET C 94 3.70 4.09 7.33
C MET C 94 4.04 3.54 8.72
N LYS C 95 5.08 2.65 8.83
CA LYS C 95 5.53 2.06 10.09
C LYS C 95 6.12 3.12 11.04
N LYS C 96 6.67 4.23 10.49
CA LYS C 96 7.19 5.35 11.27
C LYS C 96 6.03 6.10 11.91
N MET C 97 4.89 6.18 11.20
CA MET C 97 3.65 6.83 11.65
C MET C 97 2.86 5.92 12.59
N MET C 98 2.96 4.59 12.40
CA MET C 98 2.29 3.58 13.22
C MET C 98 2.91 3.50 14.62
N LYS C 99 4.25 3.41 14.71
CA LYS C 99 4.99 3.32 15.97
C LYS C 99 4.89 4.61 16.80
N GLN C 100 4.80 5.78 16.14
CA GLN C 100 4.70 7.09 16.80
C GLN C 100 3.34 7.32 17.46
N MET C 101 2.25 6.76 16.88
CA MET C 101 0.88 6.92 17.40
C MET C 101 0.37 5.61 18.04
N THR C 102 -0.20 4.70 17.22
CA THR C 102 -0.79 3.42 17.66
C THR C 102 -0.53 2.34 16.60
#